data_3QIZ
#
_entry.id   3QIZ
#
_cell.length_a   59.230
_cell.length_b   190.654
_cell.length_c   42.430
_cell.angle_alpha   90.000
_cell.angle_beta   90.000
_cell.angle_gamma   90.000
#
_symmetry.space_group_name_H-M   'P 21 21 2'
#
loop_
_entity.id
_entity.type
_entity.pdbx_description
1 polymer 'Botulinum neurotoxin type A'
2 non-polymer 'ZINC ION'
3 non-polymer (2S,4R)-2-(2-{[3-(4-fluoro-3-methylphenyl)propyl](methyl)amino}ethyl)-4-(4-fluorophenyl)-N-hydroxy-4-methoxybutanamide
4 non-polymer DI(HYDROXYETHYL)ETHER
5 water water
#
_entity_poly.entity_id   1
_entity_poly.type   'polypeptide(L)'
_entity_poly.pdbx_seq_one_letter_code
;MGFVNKQFNYKDPVNGVDIAYIKIPNAGQMQPVKAFKIHNKIWVIPERDTFTNPEEGDLNPPPEAKQVPVSYYDSTYLST
DNEKDNYLKGVTKLFERIYSTDLGRMLLTSIVRGIPFWGGSTIDTELKVIDTNCINVIQPDGSYRSEELNLVIIGPSADI
IQFECKSFGHEVLNLTRNGYGSTQYIRFSPDFTFGFEESLEVDTNPLLGAGKFATDPAVTLAHELIHAGHRLYGIAINPN
RVFKVNTNAYYEMSGLEVSFEELRTFGGHDAKFIDSLQENEFRLYYYNKFKDIASTLNKAKSIVGTTASLQYMKNVFKEK
YLLSEDTSGKFSVDKLKFDKLYKMLTEIYTEDNFVKFFKVLNRKTYLNFDKAVFKINIVPKVNYTIYDGFNLRNTNLAAN
FNGQNTEINNMNFTKLKNFTGLFEHHHHHH
;
_entity_poly.pdbx_strand_id   A
#
# COMPACT_ATOMS: atom_id res chain seq x y z
N GLY A 2 6.34 13.69 -12.63
CA GLY A 2 5.93 13.93 -11.25
C GLY A 2 4.67 13.19 -10.90
N PHE A 3 4.76 12.29 -9.92
CA PHE A 3 3.58 11.60 -9.43
C PHE A 3 2.85 12.47 -8.41
N VAL A 4 3.60 13.20 -7.62
CA VAL A 4 3.03 14.09 -6.61
C VAL A 4 3.35 15.53 -6.95
N ASN A 5 2.35 16.28 -7.39
CA ASN A 5 2.67 17.59 -7.94
C ASN A 5 2.80 18.77 -6.98
N LYS A 6 2.16 18.69 -5.82
CA LYS A 6 2.41 19.73 -4.81
C LYS A 6 3.38 19.24 -3.75
N GLN A 7 4.36 20.08 -3.41
CA GLN A 7 5.33 19.69 -2.40
C GLN A 7 4.87 20.21 -1.05
N PHE A 8 3.96 19.46 -0.45
CA PHE A 8 3.29 19.86 0.79
C PHE A 8 4.26 20.10 1.92
N ASN A 9 4.00 21.15 2.69
CA ASN A 9 4.62 21.30 3.98
C ASN A 9 3.54 21.04 5.02
N TYR A 10 3.90 20.38 6.12
CA TYR A 10 2.89 20.05 7.10
C TYR A 10 2.13 21.29 7.59
N LYS A 11 2.81 22.43 7.67
CA LYS A 11 2.19 23.69 8.10
C LYS A 11 1.14 24.23 7.12
N ASP A 12 1.31 23.93 5.83
CA ASP A 12 0.46 24.50 4.79
C ASP A 12 -1.00 24.52 5.20
N PRO A 13 -1.66 25.68 5.03
CA PRO A 13 -3.05 25.87 5.45
C PRO A 13 -4.04 24.96 4.74
N VAL A 14 -4.99 24.44 5.50
CA VAL A 14 -6.09 23.63 5.01
C VAL A 14 -6.85 24.32 3.88
N ASN A 15 -7.23 23.54 2.86
CA ASN A 15 -8.06 24.07 1.78
C ASN A 15 -9.27 23.20 1.47
N GLY A 16 -9.46 22.14 2.25
CA GLY A 16 -10.60 21.25 2.06
C GLY A 16 -10.63 20.53 0.73
N VAL A 17 -9.61 20.72 -0.10
CA VAL A 17 -9.50 19.97 -1.35
C VAL A 17 -8.38 18.91 -1.29
N ASP A 18 -7.14 19.36 -1.15
CA ASP A 18 -6.02 18.41 -0.99
C ASP A 18 -5.23 18.54 0.32
N ILE A 19 -5.56 19.57 1.11
CA ILE A 19 -5.14 19.61 2.51
C ILE A 19 -6.43 19.77 3.32
N ALA A 20 -6.72 18.79 4.18
CA ALA A 20 -7.96 18.86 4.95
C ALA A 20 -7.91 18.09 6.25
N TYR A 21 -8.81 18.43 7.17
CA TYR A 21 -9.01 17.60 8.35
C TYR A 21 -10.06 16.57 7.98
N ILE A 22 -9.73 15.31 8.21
CA ILE A 22 -10.61 14.22 7.77
C ILE A 22 -10.90 13.26 8.92
N LYS A 23 -11.94 12.46 8.78
CA LYS A 23 -12.19 11.33 9.67
C LYS A 23 -12.27 10.07 8.81
N ILE A 24 -11.70 8.97 9.29
CA ILE A 24 -11.83 7.70 8.58
C ILE A 24 -12.98 6.86 9.17
N PRO A 25 -13.58 5.98 8.34
CA PRO A 25 -14.80 5.29 8.75
C PRO A 25 -14.52 4.06 9.61
N ASN A 26 -13.77 4.29 10.69
CA ASN A 26 -13.34 3.22 11.60
C ASN A 26 -14.47 2.65 12.45
N ALA A 27 -15.66 3.24 12.30
CA ALA A 27 -16.82 2.87 13.10
C ALA A 27 -16.68 3.33 14.54
N GLY A 28 -15.70 4.19 14.78
CA GLY A 28 -15.55 4.81 16.09
C GLY A 28 -15.67 6.32 16.00
N GLN A 29 -15.88 6.95 17.15
CA GLN A 29 -15.74 8.39 17.25
C GLN A 29 -14.24 8.69 17.29
N MET A 30 -13.79 9.63 16.47
CA MET A 30 -12.42 10.09 16.50
C MET A 30 -12.45 11.58 16.21
N GLN A 31 -11.42 12.30 16.60
CA GLN A 31 -11.32 13.70 16.21
C GLN A 31 -10.62 13.79 14.86
N PRO A 32 -10.91 14.85 14.09
CA PRO A 32 -10.34 14.95 12.75
C PRO A 32 -8.81 15.04 12.78
N VAL A 33 -8.16 14.47 11.78
CA VAL A 33 -6.71 14.52 11.65
C VAL A 33 -6.37 15.22 10.35
N LYS A 34 -5.28 15.99 10.33
CA LYS A 34 -4.86 16.65 9.10
C LYS A 34 -4.33 15.61 8.12
N ALA A 35 -4.78 15.71 6.87
CA ALA A 35 -4.35 14.77 5.84
C ALA A 35 -4.05 15.49 4.53
N PHE A 36 -3.31 14.80 3.66
CA PHE A 36 -2.83 15.39 2.43
C PHE A 36 -3.11 14.48 1.25
N LYS A 37 -3.74 15.04 0.22
CA LYS A 37 -3.99 14.28 -1.01
C LYS A 37 -2.80 14.46 -1.94
N ILE A 38 -2.02 13.41 -2.12
CA ILE A 38 -0.80 13.53 -2.92
C ILE A 38 -1.03 13.22 -4.40
N HIS A 39 -2.17 12.65 -4.72
CA HIS A 39 -2.50 12.25 -6.08
C HIS A 39 -3.94 11.80 -6.06
N ASN A 40 -4.61 11.80 -7.21
CA ASN A 40 -5.97 11.29 -7.26
C ASN A 40 -6.08 9.97 -6.52
N LYS A 41 -7.04 9.86 -5.62
CA LYS A 41 -7.36 8.61 -4.91
C LYS A 41 -6.34 8.19 -3.84
N ILE A 42 -5.31 9.01 -3.59
CA ILE A 42 -4.28 8.63 -2.61
C ILE A 42 -4.02 9.74 -1.58
N TRP A 43 -4.24 9.43 -0.29
CA TRP A 43 -3.98 10.39 0.76
C TRP A 43 -2.87 9.92 1.70
N VAL A 44 -2.29 10.87 2.43
CA VAL A 44 -1.29 10.57 3.44
C VAL A 44 -1.67 11.24 4.74
N ILE A 45 -1.57 10.47 5.81
CA ILE A 45 -1.90 10.96 7.14
C ILE A 45 -0.68 10.79 8.03
N PRO A 46 0.07 11.87 8.29
CA PRO A 46 1.27 11.79 9.13
C PRO A 46 0.94 11.67 10.61
N GLU A 47 0.31 10.57 11.01
CA GLU A 47 0.01 10.32 12.42
C GLU A 47 0.32 8.87 12.72
N ARG A 48 0.63 8.56 13.96
CA ARG A 48 0.66 7.18 14.37
C ARG A 48 -0.77 6.65 14.21
N ASP A 49 -0.91 5.43 13.71
CA ASP A 49 -2.24 4.88 13.46
C ASP A 49 -2.85 4.31 14.74
N THR A 50 -3.67 5.14 15.39
CA THR A 50 -4.45 4.67 16.52
C THR A 50 -5.93 4.63 16.08
N PHE A 51 -6.15 4.55 14.77
CA PHE A 51 -7.47 4.76 14.15
C PHE A 51 -8.10 3.60 13.38
N THR A 52 -7.33 2.89 12.56
CA THR A 52 -7.93 1.84 11.74
C THR A 52 -8.47 0.75 12.67
N ASN A 53 -7.87 0.68 13.85
CA ASN A 53 -8.34 -0.22 14.91
C ASN A 53 -8.26 0.49 16.25
N PRO A 54 -9.30 1.26 16.61
CA PRO A 54 -9.39 2.03 17.86
C PRO A 54 -8.99 1.20 19.07
N GLU A 55 -9.01 -0.12 18.87
CA GLU A 55 -8.56 -1.11 19.88
C GLU A 55 -7.09 -1.38 19.80
N GLU A 56 -6.33 -0.34 19.46
CA GLU A 56 -4.88 -0.44 19.29
C GLU A 56 -4.30 0.94 19.52
N GLY A 57 -4.88 1.64 20.50
CA GLY A 57 -4.42 2.97 20.85
C GLY A 57 -3.07 3.03 21.55
N ASP A 58 -2.70 1.98 22.28
CA ASP A 58 -1.51 2.06 23.14
C ASP A 58 -0.20 1.81 22.39
N LEU A 59 0.67 2.82 22.36
CA LEU A 59 1.90 2.76 21.58
C LEU A 59 3.07 2.19 22.38
N ASN A 60 2.76 1.45 23.45
CA ASN A 60 3.77 0.84 24.30
C ASN A 60 4.01 -0.61 23.95
N PRO A 61 5.20 -1.13 24.28
CA PRO A 61 5.54 -2.51 23.93
C PRO A 61 4.71 -3.53 24.71
N PRO A 62 4.43 -4.68 24.08
CA PRO A 62 3.67 -5.79 24.64
C PRO A 62 4.54 -6.55 25.63
N PRO A 63 3.93 -7.25 26.59
CA PRO A 63 4.77 -8.01 27.53
C PRO A 63 5.54 -9.13 26.83
N GLU A 64 4.93 -9.80 25.86
CA GLU A 64 5.57 -10.86 25.09
C GLU A 64 6.15 -10.29 23.78
N ALA A 65 7.47 -10.15 23.71
CA ALA A 65 8.13 -9.64 22.49
C ALA A 65 7.85 -10.50 21.26
N LYS A 66 7.65 -9.87 20.10
CA LYS A 66 7.57 -10.59 18.84
C LYS A 66 8.94 -11.21 18.62
N GLN A 67 8.99 -12.40 18.03
CA GLN A 67 10.28 -13.07 17.84
C GLN A 67 10.89 -12.83 16.47
N VAL A 68 10.04 -12.78 15.45
CA VAL A 68 10.46 -12.45 14.10
C VAL A 68 9.32 -11.65 13.47
N PRO A 69 9.65 -10.64 12.65
CA PRO A 69 10.99 -10.12 12.39
C PRO A 69 11.38 -9.14 13.48
N VAL A 70 12.35 -8.29 13.20
CA VAL A 70 12.82 -7.29 14.18
C VAL A 70 11.68 -6.34 14.56
N SER A 71 11.63 -5.92 15.83
CA SER A 71 10.61 -4.95 16.23
C SER A 71 11.18 -3.76 17.00
N TYR A 72 10.45 -2.66 17.01
CA TYR A 72 10.93 -1.45 17.68
C TYR A 72 9.81 -0.51 18.14
N TYR A 73 9.90 -0.06 19.40
CA TYR A 73 8.89 0.81 20.01
C TYR A 73 9.45 2.17 20.45
N ASP A 74 8.68 3.21 20.19
CA ASP A 74 8.96 4.58 20.67
C ASP A 74 7.65 5.37 20.63
N SER A 75 7.01 5.51 21.79
CA SER A 75 5.69 6.15 21.83
C SER A 75 5.70 7.61 21.39
N THR A 76 6.86 8.26 21.45
CA THR A 76 6.97 9.68 21.09
C THR A 76 7.20 9.95 19.61
N TYR A 77 7.60 8.92 18.86
CA TYR A 77 7.86 9.11 17.44
C TYR A 77 6.62 9.58 16.67
N LEU A 78 6.81 10.58 15.80
CA LEU A 78 5.76 11.11 14.95
C LEU A 78 4.70 11.85 15.77
N SER A 79 5.14 12.56 16.81
CA SER A 79 4.22 13.35 17.63
C SER A 79 4.35 14.86 17.40
N THR A 80 5.44 15.30 16.79
CA THR A 80 5.67 16.73 16.57
C THR A 80 5.46 17.15 15.11
N ASP A 81 5.15 18.43 14.92
CA ASP A 81 4.93 18.99 13.58
C ASP A 81 6.10 18.75 12.66
N ASN A 82 7.31 18.81 13.21
CA ASN A 82 8.47 18.69 12.35
C ASN A 82 8.71 17.25 11.89
N GLU A 83 8.41 16.27 12.73
CA GLU A 83 8.47 14.89 12.27
C GLU A 83 7.35 14.63 11.28
N LYS A 84 6.18 15.21 11.49
CA LYS A 84 5.08 15.02 10.55
C LYS A 84 5.43 15.61 9.20
N ASP A 85 6.09 16.76 9.22
CA ASP A 85 6.53 17.37 7.97
C ASP A 85 7.60 16.51 7.32
N ASN A 86 8.55 16.02 8.11
CA ASN A 86 9.57 15.17 7.52
C ASN A 86 8.98 13.85 7.04
N TYR A 87 7.99 13.35 7.76
CA TYR A 87 7.30 12.13 7.36
C TYR A 87 6.68 12.30 5.97
N LEU A 88 5.99 13.42 5.77
CA LEU A 88 5.29 13.71 4.51
C LEU A 88 6.22 13.84 3.32
N LYS A 89 7.34 14.52 3.50
CA LYS A 89 8.32 14.68 2.43
C LYS A 89 8.98 13.33 2.11
N GLY A 90 9.19 12.50 3.13
CA GLY A 90 9.74 11.18 2.94
C GLY A 90 8.86 10.26 2.10
N VAL A 91 7.58 10.18 2.45
CA VAL A 91 6.63 9.35 1.72
C VAL A 91 6.48 9.82 0.27
N THR A 92 6.39 11.13 0.08
CA THR A 92 6.33 11.72 -1.26
C THR A 92 7.56 11.32 -2.08
N LYS A 93 8.72 11.45 -1.46
CA LYS A 93 9.96 11.11 -2.15
C LYS A 93 9.97 9.63 -2.54
N LEU A 94 9.49 8.78 -1.63
CA LEU A 94 9.45 7.35 -1.96
C LEU A 94 8.48 7.08 -3.10
N PHE A 95 7.36 7.78 -3.15
CA PHE A 95 6.47 7.66 -4.31
C PHE A 95 7.17 8.06 -5.60
N GLU A 96 7.94 9.15 -5.59
CA GLU A 96 8.59 9.58 -6.84
C GLU A 96 9.65 8.57 -7.28
N ARG A 97 10.33 7.97 -6.31
CA ARG A 97 11.34 6.95 -6.63
C ARG A 97 10.70 5.74 -7.30
N ILE A 98 9.56 5.29 -6.78
CA ILE A 98 8.84 4.18 -7.39
C ILE A 98 8.34 4.55 -8.78
N TYR A 99 7.78 5.75 -8.89
CA TYR A 99 7.20 6.24 -10.15
C TYR A 99 8.26 6.46 -11.22
N SER A 100 9.49 6.73 -10.81
CA SER A 100 10.58 6.93 -11.76
C SER A 100 10.96 5.62 -12.44
N THR A 101 10.46 4.49 -11.95
CA THR A 101 10.67 3.22 -12.66
C THR A 101 9.44 2.89 -13.49
N ASP A 102 9.64 2.12 -14.56
CA ASP A 102 8.53 1.73 -15.42
C ASP A 102 7.59 0.77 -14.70
N LEU A 103 8.16 -0.09 -13.87
CA LEU A 103 7.38 -1.01 -13.07
C LEU A 103 6.59 -0.23 -12.03
N GLY A 104 7.25 0.74 -11.42
CA GLY A 104 6.59 1.60 -10.46
C GLY A 104 5.47 2.43 -11.07
N ARG A 105 5.74 3.04 -12.22
N ARG A 105 5.75 3.03 -12.22
CA ARG A 105 4.73 3.80 -12.94
CA ARG A 105 4.74 3.79 -12.95
C ARG A 105 3.51 2.92 -13.23
C ARG A 105 3.52 2.92 -13.23
N MET A 106 3.76 1.69 -13.64
CA MET A 106 2.69 0.75 -13.94
C MET A 106 1.90 0.36 -12.70
N LEU A 107 2.61 0.04 -11.63
CA LEU A 107 1.98 -0.33 -10.38
C LEU A 107 1.07 0.77 -9.88
N LEU A 108 1.59 1.99 -9.86
CA LEU A 108 0.85 3.13 -9.34
C LEU A 108 -0.37 3.47 -10.19
N THR A 109 -0.26 3.29 -11.51
CA THR A 109 -1.40 3.50 -12.38
C THR A 109 -2.47 2.44 -12.13
N SER A 110 -2.06 1.19 -11.91
CA SER A 110 -3.03 0.15 -11.57
C SER A 110 -3.75 0.46 -10.27
N ILE A 111 -3.03 1.00 -9.30
CA ILE A 111 -3.64 1.34 -8.02
C ILE A 111 -4.67 2.45 -8.19
N VAL A 112 -4.35 3.46 -8.99
CA VAL A 112 -5.28 4.55 -9.19
C VAL A 112 -6.56 4.10 -9.89
N ARG A 113 -6.46 3.15 -10.83
CA ARG A 113 -7.64 2.60 -11.49
C ARG A 113 -8.42 1.64 -10.63
N GLY A 114 -7.80 1.17 -9.55
CA GLY A 114 -8.40 0.12 -8.75
C GLY A 114 -9.50 0.56 -7.81
N ILE A 115 -10.34 1.49 -8.27
CA ILE A 115 -11.50 1.93 -7.51
C ILE A 115 -12.22 0.76 -6.83
N PRO A 116 -12.44 0.83 -5.51
CA PRO A 116 -13.24 -0.26 -4.94
C PRO A 116 -14.67 -0.37 -5.53
N PHE A 117 -15.16 -1.59 -5.76
CA PHE A 117 -16.44 -1.80 -6.44
C PHE A 117 -17.65 -1.30 -5.66
N TRP A 118 -18.63 -0.78 -6.39
CA TRP A 118 -19.86 -0.25 -5.79
C TRP A 118 -20.86 -1.35 -5.48
N GLY A 119 -20.57 -2.11 -4.44
CA GLY A 119 -21.44 -3.21 -4.03
C GLY A 119 -22.19 -2.94 -2.73
N GLY A 120 -22.50 -1.69 -2.48
CA GLY A 120 -23.15 -1.29 -1.24
C GLY A 120 -24.67 -1.44 -1.18
N SER A 121 -25.34 -1.72 -2.30
CA SER A 121 -26.81 -1.79 -2.26
C SER A 121 -27.41 -3.13 -1.87
N THR A 122 -28.50 -3.02 -1.13
CA THR A 122 -29.29 -4.16 -0.70
C THR A 122 -30.14 -4.64 -1.89
N ILE A 123 -30.23 -3.82 -2.93
CA ILE A 123 -30.99 -4.12 -4.16
C ILE A 123 -30.07 -4.60 -5.27
N ASP A 124 -30.28 -5.81 -5.80
CA ASP A 124 -29.30 -6.36 -6.73
C ASP A 124 -29.24 -5.69 -8.11
N THR A 125 -30.06 -4.65 -8.33
CA THR A 125 -30.04 -3.94 -9.60
C THR A 125 -29.50 -2.51 -9.45
N GLU A 126 -29.07 -2.17 -8.24
CA GLU A 126 -28.63 -0.81 -7.94
C GLU A 126 -27.16 -0.74 -7.54
N LEU A 127 -26.40 0.14 -8.19
CA LEU A 127 -25.03 0.38 -7.73
C LEU A 127 -25.02 1.40 -6.60
N LYS A 128 -24.10 1.20 -5.65
CA LYS A 128 -24.00 2.08 -4.51
C LYS A 128 -22.61 1.94 -3.86
N VAL A 129 -22.00 3.08 -3.54
CA VAL A 129 -20.67 3.06 -2.90
C VAL A 129 -20.76 2.42 -1.52
N ILE A 130 -19.67 1.80 -1.09
CA ILE A 130 -19.59 1.27 0.28
C ILE A 130 -18.88 2.32 1.12
N ASP A 131 -19.55 2.79 2.17
CA ASP A 131 -19.07 3.92 2.97
C ASP A 131 -17.65 3.74 3.53
N THR A 132 -17.29 2.51 3.90
CA THR A 132 -15.94 2.25 4.43
C THR A 132 -14.87 2.38 3.35
N ASN A 133 -15.28 2.65 2.11
CA ASN A 133 -14.32 2.96 1.05
C ASN A 133 -14.21 4.46 0.81
N CYS A 134 -14.65 5.25 1.78
CA CYS A 134 -14.59 6.70 1.70
C CYS A 134 -13.92 7.30 2.95
N ILE A 135 -13.58 8.58 2.88
CA ILE A 135 -13.28 9.34 4.08
C ILE A 135 -14.21 10.55 4.13
N ASN A 136 -14.38 11.11 5.32
CA ASN A 136 -15.15 12.33 5.48
C ASN A 136 -14.23 13.52 5.60
N VAL A 137 -14.39 14.47 4.69
CA VAL A 137 -13.57 15.67 4.68
C VAL A 137 -14.36 16.83 5.26
N ILE A 138 -13.79 17.55 6.21
CA ILE A 138 -14.53 18.62 6.85
C ILE A 138 -14.56 19.86 5.97
N GLN A 139 -15.68 20.59 6.02
CA GLN A 139 -15.85 21.80 5.25
C GLN A 139 -15.88 23.00 6.21
N PRO A 140 -15.85 24.23 5.66
CA PRO A 140 -15.83 25.45 6.48
C PRO A 140 -16.90 25.52 7.57
N ASP A 141 -18.13 25.13 7.24
CA ASP A 141 -19.24 25.18 8.20
C ASP A 141 -19.22 24.01 9.17
N GLY A 142 -18.14 23.25 9.16
CA GLY A 142 -17.98 22.15 10.08
C GLY A 142 -18.74 20.88 9.69
N SER A 143 -19.43 20.91 8.55
CA SER A 143 -20.01 19.69 8.05
C SER A 143 -18.98 18.86 7.32
N TYR A 144 -19.37 17.64 6.96
CA TYR A 144 -18.46 16.69 6.37
C TYR A 144 -18.99 16.29 4.99
N ARG A 145 -18.08 16.16 4.01
CA ARG A 145 -18.45 15.61 2.72
C ARG A 145 -17.72 14.29 2.53
N SER A 146 -18.40 13.31 1.97
CA SER A 146 -17.83 11.98 1.75
C SER A 146 -17.00 11.98 0.49
N GLU A 147 -15.76 11.52 0.59
CA GLU A 147 -14.91 11.39 -0.60
C GLU A 147 -14.37 9.98 -0.78
N GLU A 148 -14.48 9.48 -2.00
CA GLU A 148 -13.98 8.15 -2.31
C GLU A 148 -12.47 8.17 -2.49
N LEU A 149 -11.79 7.12 -2.00
CA LEU A 149 -10.37 7.00 -2.21
C LEU A 149 -9.93 5.55 -2.32
N ASN A 150 -8.73 5.34 -2.85
CA ASN A 150 -8.19 3.99 -3.00
C ASN A 150 -7.16 3.65 -1.93
N LEU A 151 -6.37 4.64 -1.56
CA LEU A 151 -5.20 4.39 -0.71
C LEU A 151 -4.92 5.47 0.31
N VAL A 152 -4.56 5.04 1.52
CA VAL A 152 -4.11 5.94 2.56
C VAL A 152 -2.76 5.43 3.09
N ILE A 153 -1.77 6.30 3.16
CA ILE A 153 -0.52 5.99 3.85
C ILE A 153 -0.60 6.64 5.22
N ILE A 154 -0.41 5.84 6.27
CA ILE A 154 -0.50 6.35 7.64
C ILE A 154 0.72 5.85 8.41
N GLY A 155 1.07 6.55 9.49
CA GLY A 155 2.22 6.15 10.29
C GLY A 155 1.96 4.86 11.05
N PRO A 156 3.01 4.22 11.57
CA PRO A 156 2.82 2.93 12.23
C PRO A 156 2.01 3.01 13.53
N SER A 157 1.49 1.86 13.95
CA SER A 157 0.92 1.70 15.29
C SER A 157 2.07 1.45 16.27
N ALA A 158 1.84 0.68 17.33
CA ALA A 158 2.85 0.53 18.39
C ALA A 158 4.25 0.12 17.90
N ASP A 159 4.34 -0.99 17.18
CA ASP A 159 5.61 -1.45 16.63
C ASP A 159 5.96 -0.59 15.42
N ILE A 160 6.90 0.33 15.60
CA ILE A 160 7.28 1.29 14.57
C ILE A 160 7.68 0.65 13.23
N ILE A 161 8.20 -0.57 13.28
CA ILE A 161 8.63 -1.22 12.03
C ILE A 161 7.70 -2.32 11.54
N GLN A 162 6.49 -2.36 12.11
CA GLN A 162 5.47 -3.26 11.62
C GLN A 162 4.71 -2.58 10.50
N PHE A 163 5.07 -2.88 9.26
CA PHE A 163 4.35 -2.31 8.13
C PHE A 163 3.31 -3.31 7.64
N GLU A 164 2.16 -2.80 7.23
CA GLU A 164 1.14 -3.67 6.71
C GLU A 164 0.07 -2.90 5.99
N CYS A 165 -0.62 -3.63 5.13
CA CYS A 165 -1.68 -3.06 4.32
C CYS A 165 -2.97 -3.65 4.85
N LYS A 166 -3.84 -2.77 5.36
CA LYS A 166 -5.07 -3.22 6.03
C LYS A 166 -6.27 -2.41 5.56
N SER A 167 -7.46 -2.87 5.90
CA SER A 167 -8.67 -2.26 5.35
C SER A 167 -9.93 -2.63 6.14
N PHE A 168 -10.98 -1.82 5.98
CA PHE A 168 -12.22 -2.09 6.70
C PHE A 168 -13.06 -3.13 6.00
N GLY A 169 -13.59 -4.01 6.81
CA GLY A 169 -14.33 -5.13 6.32
C GLY A 169 -15.81 -4.83 6.23
N HIS A 170 -16.54 -5.87 5.88
CA HIS A 170 -17.94 -5.78 5.59
C HIS A 170 -18.59 -6.99 6.22
N GLU A 171 -19.91 -6.92 6.41
CA GLU A 171 -20.65 -7.94 7.15
C GLU A 171 -20.70 -9.32 6.50
N VAL A 172 -20.88 -9.36 5.19
CA VAL A 172 -20.94 -10.65 4.50
C VAL A 172 -19.84 -10.76 3.45
N LEU A 173 -19.52 -9.63 2.85
CA LEU A 173 -18.57 -9.60 1.74
C LEU A 173 -17.12 -9.73 2.23
N ASN A 174 -16.33 -10.51 1.49
CA ASN A 174 -14.89 -10.55 1.70
C ASN A 174 -14.27 -9.70 0.60
N LEU A 175 -14.29 -8.39 0.82
CA LEU A 175 -13.99 -7.41 -0.21
C LEU A 175 -12.61 -7.58 -0.85
N THR A 176 -11.62 -8.00 -0.06
CA THR A 176 -10.27 -8.16 -0.58
C THR A 176 -10.09 -9.50 -1.30
N ARG A 177 -11.12 -10.35 -1.29
CA ARG A 177 -11.02 -11.67 -1.91
C ARG A 177 -12.17 -12.04 -2.83
N ASN A 178 -13.12 -11.14 -2.97
CA ASN A 178 -14.28 -11.44 -3.81
C ASN A 178 -14.26 -10.67 -5.12
N GLY A 179 -13.12 -10.05 -5.42
CA GLY A 179 -12.99 -9.24 -6.63
C GLY A 179 -13.41 -7.79 -6.50
N TYR A 180 -14.09 -7.46 -5.41
CA TYR A 180 -14.58 -6.09 -5.23
C TYR A 180 -13.46 -5.10 -4.90
N GLY A 181 -12.68 -5.43 -3.88
CA GLY A 181 -11.67 -4.52 -3.39
C GLY A 181 -12.23 -3.57 -2.34
N SER A 182 -11.33 -2.95 -1.59
CA SER A 182 -11.69 -2.00 -0.57
C SER A 182 -10.55 -1.00 -0.45
N THR A 183 -10.81 0.16 0.14
CA THR A 183 -9.77 1.16 0.35
C THR A 183 -8.72 0.59 1.28
N GLN A 184 -7.47 0.77 0.92
CA GLN A 184 -6.36 0.18 1.67
C GLN A 184 -5.61 1.22 2.49
N TYR A 185 -5.25 0.81 3.71
CA TYR A 185 -4.52 1.65 4.64
C TYR A 185 -3.17 1.02 4.91
N ILE A 186 -2.11 1.71 4.50
CA ILE A 186 -0.77 1.18 4.67
C ILE A 186 -0.08 1.87 5.84
N ARG A 187 0.15 1.12 6.91
CA ARG A 187 1.01 1.59 7.99
C ARG A 187 2.43 1.50 7.48
N PHE A 188 3.13 2.63 7.50
CA PHE A 188 4.46 2.68 6.94
C PHE A 188 5.20 3.87 7.53
N SER A 189 6.51 3.73 7.69
CA SER A 189 7.35 4.87 8.04
C SER A 189 8.55 4.93 7.11
N PRO A 190 8.84 6.12 6.59
CA PRO A 190 10.07 6.29 5.82
C PRO A 190 11.23 6.67 6.73
N ASP A 191 11.00 6.73 8.03
CA ASP A 191 12.00 7.27 8.97
C ASP A 191 12.87 6.20 9.61
N PHE A 192 12.56 4.94 9.31
CA PHE A 192 13.26 3.80 9.90
C PHE A 192 13.42 2.73 8.84
N THR A 193 14.42 1.88 9.00
CA THR A 193 14.50 0.68 8.16
C THR A 193 15.09 -0.48 8.95
N PHE A 194 15.04 -1.67 8.35
CA PHE A 194 15.54 -2.86 9.01
C PHE A 194 16.70 -3.42 8.20
N GLY A 195 17.63 -4.11 8.86
CA GLY A 195 18.81 -4.65 8.19
C GLY A 195 18.65 -6.08 7.72
N PHE A 196 19.56 -6.50 6.85
CA PHE A 196 19.70 -7.90 6.47
C PHE A 196 21.17 -8.18 6.24
N GLU A 197 21.53 -9.46 6.23
CA GLU A 197 22.92 -9.83 6.06
C GLU A 197 23.18 -10.46 4.72
N GLU A 198 24.38 -10.25 4.20
CA GLU A 198 24.76 -10.85 2.94
C GLU A 198 26.26 -11.16 2.89
N GLY A 209 32.69 -11.21 9.97
CA GLY A 209 31.58 -12.00 9.49
C GLY A 209 30.92 -11.45 8.24
N ALA A 210 29.61 -11.59 8.15
CA ALA A 210 28.87 -11.16 6.97
C ALA A 210 28.64 -9.65 6.91
N GLY A 211 28.48 -9.14 5.69
CA GLY A 211 28.16 -7.74 5.48
C GLY A 211 26.81 -7.37 6.04
N LYS A 212 26.69 -6.17 6.60
CA LYS A 212 25.48 -5.74 7.29
C LYS A 212 24.78 -4.60 6.54
N PHE A 213 23.68 -4.93 5.86
CA PHE A 213 23.02 -3.98 4.97
C PHE A 213 21.66 -3.50 5.46
N ALA A 214 21.21 -2.38 4.89
CA ALA A 214 19.92 -1.79 5.21
C ALA A 214 19.01 -1.91 4.01
N THR A 215 17.75 -2.28 4.26
CA THR A 215 16.75 -2.37 3.21
C THR A 215 16.41 -0.98 2.68
N ASP A 216 16.36 -0.83 1.36
CA ASP A 216 15.96 0.44 0.77
C ASP A 216 14.45 0.62 1.02
N PRO A 217 14.06 1.71 1.70
CA PRO A 217 12.65 1.79 2.07
C PRO A 217 11.70 1.98 0.89
N ALA A 218 12.22 2.33 -0.28
CA ALA A 218 11.39 2.36 -1.48
C ALA A 218 10.98 0.93 -1.83
N VAL A 219 11.83 -0.03 -1.51
CA VAL A 219 11.51 -1.42 -1.74
C VAL A 219 10.41 -1.88 -0.78
N THR A 220 10.52 -1.49 0.48
CA THR A 220 9.51 -1.81 1.49
C THR A 220 8.16 -1.18 1.14
N LEU A 221 8.16 0.09 0.72
CA LEU A 221 6.91 0.74 0.34
C LEU A 221 6.29 0.01 -0.84
N ALA A 222 7.13 -0.33 -1.83
CA ALA A 222 6.67 -1.02 -3.00
C ALA A 222 6.03 -2.35 -2.59
N HIS A 223 6.65 -3.02 -1.63
CA HIS A 223 6.10 -4.26 -1.07
C HIS A 223 4.67 -4.03 -0.61
N GLU A 224 4.46 -3.00 0.22
CA GLU A 224 3.13 -2.71 0.69
C GLU A 224 2.17 -2.29 -0.42
N LEU A 225 2.66 -1.54 -1.40
CA LEU A 225 1.81 -1.11 -2.50
C LEU A 225 1.34 -2.32 -3.32
N ILE A 226 2.19 -3.35 -3.38
CA ILE A 226 1.83 -4.60 -4.06
C ILE A 226 0.67 -5.29 -3.33
N HIS A 227 0.77 -5.40 -1.99
CA HIS A 227 -0.38 -5.87 -1.20
C HIS A 227 -1.62 -5.06 -1.57
N ALA A 228 -1.50 -3.73 -1.57
CA ALA A 228 -2.65 -2.85 -1.82
C ALA A 228 -3.25 -3.11 -3.20
N GLY A 229 -2.36 -3.33 -4.17
CA GLY A 229 -2.76 -3.71 -5.49
C GLY A 229 -3.66 -4.94 -5.48
N HIS A 230 -3.23 -5.99 -4.78
CA HIS A 230 -4.02 -7.22 -4.72
C HIS A 230 -5.37 -6.96 -4.08
N ARG A 231 -5.35 -6.23 -2.96
CA ARG A 231 -6.54 -6.05 -2.15
C ARG A 231 -7.55 -5.10 -2.81
N LEU A 232 -7.06 -4.14 -3.58
CA LEU A 232 -7.94 -3.23 -4.32
C LEU A 232 -8.64 -3.95 -5.46
N TYR A 233 -8.02 -5.00 -5.96
CA TYR A 233 -8.61 -5.79 -7.03
C TYR A 233 -9.33 -7.02 -6.49
N GLY A 234 -9.43 -7.11 -5.17
CA GLY A 234 -10.16 -8.20 -4.54
C GLY A 234 -9.59 -9.57 -4.81
N ILE A 235 -8.28 -9.65 -5.05
CA ILE A 235 -7.62 -10.94 -5.31
C ILE A 235 -6.56 -11.32 -4.29
N ALA A 236 -6.62 -10.76 -3.09
CA ALA A 236 -5.69 -11.14 -2.03
C ALA A 236 -5.87 -12.62 -1.72
N ILE A 237 -4.80 -13.29 -1.30
CA ILE A 237 -4.96 -14.66 -0.87
C ILE A 237 -5.26 -14.69 0.62
N ASN A 238 -6.31 -15.40 1.00
CA ASN A 238 -6.67 -15.56 2.40
C ASN A 238 -5.41 -15.82 3.22
N PRO A 239 -5.25 -15.10 4.34
CA PRO A 239 -4.04 -15.27 5.16
C PRO A 239 -3.92 -16.64 5.84
N ASN A 240 -4.99 -17.44 5.81
CA ASN A 240 -4.94 -18.78 6.40
C ASN A 240 -4.38 -19.82 5.43
N ARG A 241 -4.04 -19.38 4.23
CA ARG A 241 -3.34 -20.23 3.26
C ARG A 241 -1.85 -19.98 3.40
N VAL A 242 -1.16 -20.97 3.95
CA VAL A 242 0.25 -20.80 4.30
C VAL A 242 1.12 -21.87 3.66
N PHE A 243 2.39 -21.54 3.43
CA PHE A 243 3.38 -22.50 2.97
C PHE A 243 4.14 -22.99 4.19
N LYS A 244 4.24 -24.31 4.31
CA LYS A 244 4.92 -24.93 5.44
C LYS A 244 6.38 -25.19 5.08
N LEU A 256 8.88 -23.68 8.54
CA LEU A 256 7.97 -22.86 9.33
C LEU A 256 6.64 -22.58 8.69
N GLU A 257 6.19 -21.35 8.97
CA GLU A 257 4.85 -20.85 8.68
C GLU A 257 4.92 -19.45 8.02
N VAL A 258 4.68 -19.36 6.72
CA VAL A 258 4.58 -18.03 6.05
C VAL A 258 3.41 -18.01 5.08
N SER A 259 2.63 -16.93 5.07
CA SER A 259 1.41 -16.91 4.22
C SER A 259 1.75 -16.85 2.73
N PHE A 260 0.92 -17.50 1.91
CA PHE A 260 1.10 -17.47 0.46
C PHE A 260 1.12 -16.02 -0.01
N GLU A 261 0.35 -15.16 0.66
CA GLU A 261 0.22 -13.79 0.19
C GLU A 261 1.55 -13.05 0.31
N GLU A 262 2.30 -13.30 1.38
CA GLU A 262 3.65 -12.75 1.49
C GLU A 262 4.59 -13.33 0.45
N LEU A 263 4.55 -14.65 0.27
CA LEU A 263 5.45 -15.28 -0.71
C LEU A 263 5.18 -14.71 -2.10
N ARG A 264 3.90 -14.59 -2.46
CA ARG A 264 3.54 -14.03 -3.73
C ARG A 264 4.08 -12.61 -3.88
N THR A 265 3.84 -11.78 -2.88
CA THR A 265 4.25 -10.38 -2.90
C THR A 265 5.77 -10.20 -3.01
N PHE A 266 6.53 -11.03 -2.29
CA PHE A 266 7.99 -10.95 -2.32
C PHE A 266 8.54 -11.37 -3.68
N GLY A 267 7.96 -12.43 -4.24
CA GLY A 267 8.36 -12.94 -5.54
C GLY A 267 9.67 -13.69 -5.50
N GLY A 268 10.39 -13.66 -6.62
CA GLY A 268 11.69 -14.31 -6.70
C GLY A 268 11.54 -15.80 -6.50
N HIS A 269 12.51 -16.43 -5.85
CA HIS A 269 12.39 -17.87 -5.69
C HIS A 269 11.26 -18.27 -4.74
N ASP A 270 10.91 -17.37 -3.81
CA ASP A 270 9.84 -17.65 -2.86
C ASP A 270 8.50 -17.95 -3.54
N ALA A 271 8.16 -17.21 -4.58
CA ALA A 271 6.83 -17.30 -5.18
C ALA A 271 6.60 -18.65 -5.88
N LYS A 272 7.68 -19.32 -6.28
CA LYS A 272 7.55 -20.59 -6.96
C LYS A 272 7.15 -21.75 -6.01
N PHE A 273 7.02 -21.43 -4.71
CA PHE A 273 6.58 -22.39 -3.67
C PHE A 273 5.04 -22.58 -3.64
N ILE A 274 4.33 -21.55 -4.09
CA ILE A 274 2.92 -21.67 -4.44
C ILE A 274 2.91 -22.41 -5.76
N ASP A 275 2.55 -23.69 -5.73
CA ASP A 275 2.71 -24.54 -6.91
C ASP A 275 1.90 -24.11 -8.12
N SER A 276 2.01 -24.89 -9.19
CA SER A 276 1.28 -24.63 -10.43
C SER A 276 -0.22 -24.89 -10.29
N LEU A 277 -0.59 -25.82 -9.40
CA LEU A 277 -2.00 -26.21 -9.24
C LEU A 277 -2.86 -25.20 -8.47
N GLN A 278 -2.30 -24.61 -7.41
CA GLN A 278 -3.05 -23.67 -6.60
C GLN A 278 -3.20 -22.36 -7.34
N GLU A 279 -2.17 -22.03 -8.12
CA GLU A 279 -2.20 -20.83 -8.95
C GLU A 279 -3.36 -20.94 -9.96
N ASN A 280 -3.50 -22.10 -10.61
CA ASN A 280 -4.62 -22.33 -11.52
C ASN A 280 -6.00 -22.21 -10.86
N GLU A 281 -6.15 -22.70 -9.63
CA GLU A 281 -7.42 -22.53 -8.90
C GLU A 281 -7.72 -21.06 -8.72
N PHE A 282 -6.76 -20.32 -8.17
CA PHE A 282 -6.92 -18.88 -7.99
C PHE A 282 -7.24 -18.24 -9.33
N ARG A 283 -6.49 -18.61 -10.38
CA ARG A 283 -6.74 -18.05 -11.71
C ARG A 283 -8.20 -18.25 -12.14
N LEU A 284 -8.73 -19.44 -11.93
CA LEU A 284 -10.08 -19.79 -12.35
C LEU A 284 -11.11 -19.13 -11.45
N TYR A 285 -10.82 -19.18 -10.16
CA TYR A 285 -11.65 -18.56 -9.18
C TYR A 285 -11.91 -17.09 -9.50
N TYR A 286 -10.87 -16.35 -9.86
CA TYR A 286 -11.03 -14.92 -10.12
C TYR A 286 -11.61 -14.56 -11.49
N TYR A 287 -11.30 -15.34 -12.52
CA TYR A 287 -12.03 -15.24 -13.78
C TYR A 287 -13.52 -15.28 -13.44
N ASN A 288 -13.91 -16.22 -12.58
CA ASN A 288 -15.31 -16.34 -12.22
C ASN A 288 -15.83 -15.12 -11.46
N LYS A 289 -15.03 -14.59 -10.54
CA LYS A 289 -15.38 -13.33 -9.90
C LYS A 289 -15.57 -12.22 -10.92
N PHE A 290 -14.58 -12.01 -11.77
CA PHE A 290 -14.66 -10.93 -12.74
C PHE A 290 -15.92 -11.06 -13.60
N LYS A 291 -16.23 -12.28 -14.04
CA LYS A 291 -17.47 -12.56 -14.76
C LYS A 291 -18.73 -12.14 -13.96
N ASP A 292 -18.79 -12.46 -12.68
CA ASP A 292 -19.90 -12.02 -11.82
C ASP A 292 -20.04 -10.49 -11.78
N ILE A 293 -18.92 -9.79 -11.60
CA ILE A 293 -18.92 -8.33 -11.57
C ILE A 293 -19.44 -7.77 -12.90
N ALA A 294 -18.98 -8.35 -14.01
CA ALA A 294 -19.53 -8.02 -15.31
C ALA A 294 -21.06 -8.22 -15.40
N SER A 295 -21.58 -9.33 -14.85
CA SER A 295 -23.03 -9.52 -14.87
C SER A 295 -23.80 -8.58 -13.92
N THR A 296 -23.18 -8.20 -12.81
CA THR A 296 -23.80 -7.22 -11.91
C THR A 296 -23.93 -5.88 -12.62
N LEU A 297 -22.90 -5.53 -13.37
CA LEU A 297 -22.88 -4.30 -14.16
C LEU A 297 -23.91 -4.34 -15.29
N ASN A 298 -23.97 -5.46 -16.01
CA ASN A 298 -24.94 -5.64 -17.09
C ASN A 298 -26.40 -5.57 -16.60
N LYS A 299 -26.66 -6.05 -15.39
CA LYS A 299 -28.03 -6.02 -14.85
C LYS A 299 -28.35 -4.77 -14.02
N ALA A 300 -27.37 -3.89 -13.83
CA ALA A 300 -27.57 -2.61 -13.14
C ALA A 300 -28.61 -1.72 -13.82
N LYS A 301 -29.62 -1.26 -13.08
CA LYS A 301 -30.61 -0.32 -13.65
C LYS A 301 -30.67 1.03 -12.94
N SER A 302 -29.88 1.21 -11.87
CA SER A 302 -29.94 2.45 -11.12
C SER A 302 -28.71 2.61 -10.24
N ILE A 303 -28.50 3.84 -9.80
CA ILE A 303 -27.31 4.18 -9.05
C ILE A 303 -27.66 5.18 -7.95
N VAL A 304 -26.95 5.10 -6.83
CA VAL A 304 -27.16 6.01 -5.72
C VAL A 304 -26.03 7.04 -5.76
N GLY A 305 -26.33 8.30 -5.49
CA GLY A 305 -25.32 9.34 -5.59
C GLY A 305 -25.64 10.46 -6.56
N THR A 306 -25.15 11.64 -6.25
CA THR A 306 -25.53 12.85 -6.97
C THR A 306 -24.66 13.14 -8.18
N THR A 307 -23.39 12.77 -8.12
CA THR A 307 -22.42 13.27 -9.10
C THR A 307 -22.03 12.32 -10.23
N ALA A 308 -22.19 11.01 -10.03
CA ALA A 308 -21.75 10.07 -11.07
C ALA A 308 -22.90 9.28 -11.69
N SER A 309 -22.95 9.28 -13.01
CA SER A 309 -23.98 8.56 -13.75
C SER A 309 -23.72 7.05 -13.71
N LEU A 310 -24.75 6.25 -13.92
CA LEU A 310 -24.55 4.80 -14.02
C LEU A 310 -23.59 4.50 -15.17
N GLN A 311 -23.73 5.25 -16.26
CA GLN A 311 -22.85 5.08 -17.41
C GLN A 311 -21.39 5.38 -17.02
N TYR A 312 -21.21 6.39 -16.17
CA TYR A 312 -19.87 6.79 -15.76
C TYR A 312 -19.18 5.74 -14.89
N MET A 313 -19.89 5.20 -13.91
CA MET A 313 -19.35 4.15 -13.06
C MET A 313 -19.18 2.84 -13.82
N LYS A 314 -20.06 2.57 -14.78
CA LYS A 314 -19.90 1.37 -15.57
C LYS A 314 -18.57 1.45 -16.32
N ASN A 315 -18.27 2.61 -16.88
CA ASN A 315 -17.00 2.84 -17.56
C ASN A 315 -15.80 2.80 -16.59
N VAL A 316 -15.97 3.26 -15.35
CA VAL A 316 -14.88 3.16 -14.38
C VAL A 316 -14.49 1.70 -14.16
N PHE A 317 -15.48 0.83 -14.02
CA PHE A 317 -15.21 -0.57 -13.74
C PHE A 317 -14.80 -1.36 -14.96
N LYS A 318 -15.23 -0.90 -16.13
CA LYS A 318 -14.72 -1.42 -17.39
C LYS A 318 -13.20 -1.22 -17.46
N GLU A 319 -12.74 -0.03 -17.10
CA GLU A 319 -11.31 0.26 -17.15
C GLU A 319 -10.53 -0.50 -16.09
N LYS A 320 -11.12 -0.66 -14.90
CA LYS A 320 -10.46 -1.36 -13.81
C LYS A 320 -10.21 -2.82 -14.14
N TYR A 321 -11.28 -3.53 -14.49
CA TYR A 321 -11.21 -4.97 -14.70
C TYR A 321 -10.91 -5.32 -16.15
N LEU A 322 -10.52 -4.29 -16.92
CA LEU A 322 -10.19 -4.43 -18.35
C LEU A 322 -11.25 -5.20 -19.15
N LEU A 323 -12.51 -4.91 -18.86
CA LEU A 323 -13.65 -5.57 -19.51
C LEU A 323 -13.75 -5.20 -21.00
N SER A 324 -14.34 -6.10 -21.79
CA SER A 324 -14.69 -5.82 -23.20
C SER A 324 -16.13 -5.31 -23.32
N GLU A 325 -16.32 -4.25 -24.11
CA GLU A 325 -17.65 -3.66 -24.31
C GLU A 325 -18.16 -3.89 -25.75
N ASP A 326 -19.31 -4.55 -25.91
CA ASP A 326 -19.88 -4.73 -27.25
C ASP A 326 -20.69 -3.51 -27.73
N THR A 327 -21.07 -3.51 -29.00
CA THR A 327 -21.72 -2.34 -29.60
C THR A 327 -23.07 -2.01 -28.99
N SER A 328 -23.57 -2.90 -28.13
CA SER A 328 -24.84 -2.68 -27.44
C SER A 328 -24.64 -2.29 -25.97
N GLY A 329 -23.39 -2.05 -25.58
CA GLY A 329 -23.09 -1.59 -24.25
C GLY A 329 -22.84 -2.65 -23.19
N LYS A 330 -22.95 -3.92 -23.57
CA LYS A 330 -22.80 -5.03 -22.59
C LYS A 330 -21.35 -5.43 -22.34
N PHE A 331 -21.04 -5.78 -21.10
CA PHE A 331 -19.68 -6.13 -20.70
C PHE A 331 -19.43 -7.63 -20.64
N SER A 332 -18.20 -8.03 -20.94
CA SER A 332 -17.74 -9.38 -20.70
C SER A 332 -16.28 -9.35 -20.35
N VAL A 333 -15.75 -10.47 -19.88
CA VAL A 333 -14.31 -10.56 -19.65
C VAL A 333 -13.66 -11.22 -20.86
N ASP A 334 -12.58 -10.62 -21.34
CA ASP A 334 -11.76 -11.23 -22.37
C ASP A 334 -10.72 -12.06 -21.64
N LYS A 335 -10.63 -13.36 -21.94
CA LYS A 335 -9.70 -14.18 -21.18
C LYS A 335 -8.25 -13.69 -21.35
N LEU A 336 -7.87 -13.33 -22.56
CA LEU A 336 -6.51 -12.84 -22.82
C LEU A 336 -6.14 -11.64 -21.94
N LYS A 337 -7.03 -10.66 -21.88
CA LYS A 337 -6.81 -9.47 -21.08
C LYS A 337 -6.93 -9.77 -19.58
N PHE A 338 -7.74 -10.76 -19.21
CA PHE A 338 -7.81 -11.14 -17.80
C PHE A 338 -6.48 -11.72 -17.34
N ASP A 339 -6.03 -12.76 -18.04
CA ASP A 339 -4.76 -13.41 -17.75
C ASP A 339 -3.63 -12.39 -17.58
N LYS A 340 -3.58 -11.43 -18.49
CA LYS A 340 -2.52 -10.43 -18.48
C LYS A 340 -2.63 -9.55 -17.24
N LEU A 341 -3.83 -9.04 -16.97
CA LEU A 341 -4.09 -8.27 -15.76
C LEU A 341 -3.73 -9.07 -14.50
N TYR A 342 -4.19 -10.31 -14.42
CA TYR A 342 -3.97 -11.13 -13.25
C TYR A 342 -2.48 -11.37 -13.02
N LYS A 343 -1.77 -11.68 -14.10
CA LYS A 343 -0.37 -12.01 -14.01
C LYS A 343 0.41 -10.77 -13.64
N MET A 344 -0.02 -9.65 -14.23
CA MET A 344 0.52 -8.33 -13.95
C MET A 344 0.49 -8.03 -12.46
N LEU A 345 -0.69 -8.17 -11.86
CA LEU A 345 -0.88 -7.86 -10.45
C LEU A 345 -0.18 -8.83 -9.50
N THR A 346 0.06 -10.06 -9.94
CA THR A 346 0.52 -11.10 -9.03
C THR A 346 1.92 -11.62 -9.28
N GLU A 347 2.38 -11.56 -10.53
CA GLU A 347 3.70 -12.08 -10.85
C GLU A 347 4.65 -10.97 -11.32
N ILE A 348 4.11 -9.94 -11.96
CA ILE A 348 4.95 -8.84 -12.42
C ILE A 348 5.25 -7.85 -11.30
N TYR A 349 4.19 -7.40 -10.62
CA TYR A 349 4.34 -6.52 -9.47
C TYR A 349 4.79 -7.35 -8.26
N THR A 350 6.10 -7.54 -8.08
CA THR A 350 6.64 -8.25 -6.92
C THR A 350 7.81 -7.47 -6.32
N GLU A 351 8.11 -7.72 -5.05
CA GLU A 351 9.21 -7.02 -4.40
C GLU A 351 10.52 -7.35 -5.15
N ASP A 352 10.71 -8.62 -5.49
CA ASP A 352 11.92 -9.04 -6.18
C ASP A 352 12.09 -8.25 -7.49
N ASN A 353 10.99 -8.07 -8.22
CA ASN A 353 11.05 -7.33 -9.46
C ASN A 353 11.43 -5.87 -9.28
N PHE A 354 10.99 -5.24 -8.19
CA PHE A 354 11.40 -3.87 -7.93
C PHE A 354 12.86 -3.77 -7.59
N VAL A 355 13.36 -4.78 -6.89
CA VAL A 355 14.78 -4.82 -6.55
C VAL A 355 15.64 -4.75 -7.80
N LYS A 356 15.25 -5.51 -8.83
CA LYS A 356 15.95 -5.50 -10.13
C LYS A 356 15.93 -4.13 -10.80
N PHE A 357 14.75 -3.51 -10.83
CA PHE A 357 14.55 -2.21 -11.48
C PHE A 357 15.28 -1.10 -10.75
N PHE A 358 15.32 -1.20 -9.42
CA PHE A 358 16.00 -0.22 -8.58
C PHE A 358 17.50 -0.45 -8.59
N LYS A 359 17.89 -1.67 -8.98
CA LYS A 359 19.28 -2.12 -8.94
C LYS A 359 19.91 -1.89 -7.54
N VAL A 360 19.16 -2.25 -6.50
CA VAL A 360 19.68 -2.20 -5.14
C VAL A 360 19.85 -3.61 -4.60
N LEU A 361 20.44 -3.72 -3.42
CA LEU A 361 20.58 -5.00 -2.75
C LEU A 361 19.41 -5.19 -1.78
N ASN A 362 18.94 -6.43 -1.67
CA ASN A 362 17.79 -6.77 -0.83
C ASN A 362 18.00 -8.19 -0.33
N ARG A 363 17.40 -8.53 0.80
CA ARG A 363 17.53 -9.90 1.30
C ARG A 363 16.98 -10.87 0.25
N LYS A 364 17.46 -12.11 0.24
CA LYS A 364 17.17 -13.05 -0.83
C LYS A 364 15.82 -13.77 -0.63
N THR A 365 15.27 -13.75 0.58
CA THR A 365 13.99 -14.40 0.87
C THR A 365 13.13 -13.59 1.84
N TYR A 366 11.83 -13.83 1.82
CA TYR A 366 10.90 -13.13 2.72
C TYR A 366 11.31 -13.25 4.18
N LEU A 367 11.53 -14.48 4.62
CA LEU A 367 11.99 -14.74 5.98
C LEU A 367 13.31 -14.05 6.24
N ASN A 368 13.41 -13.42 7.40
CA ASN A 368 14.62 -12.70 7.76
C ASN A 368 14.85 -12.72 9.26
N PHE A 369 15.85 -13.49 9.69
CA PHE A 369 16.06 -13.74 11.09
C PHE A 369 17.16 -12.86 11.69
N ASP A 370 17.83 -12.11 10.83
CA ASP A 370 18.93 -11.25 11.28
C ASP A 370 18.40 -9.86 11.70
N LYS A 371 18.03 -9.74 12.97
CA LYS A 371 17.37 -8.57 13.53
C LYS A 371 18.27 -7.36 13.66
N ALA A 372 17.86 -6.27 13.03
CA ALA A 372 18.56 -5.00 13.18
C ALA A 372 17.66 -3.89 12.65
N VAL A 373 17.55 -2.81 13.41
CA VAL A 373 16.72 -1.68 13.02
C VAL A 373 17.53 -0.39 13.09
N PHE A 374 17.26 0.52 12.15
CA PHE A 374 18.02 1.75 12.04
C PHE A 374 17.14 2.98 11.85
N LYS A 375 17.55 4.09 12.46
CA LYS A 375 16.96 5.38 12.14
C LYS A 375 17.67 5.91 10.89
N ILE A 376 16.88 6.36 9.92
CA ILE A 376 17.43 6.91 8.68
C ILE A 376 16.79 8.28 8.42
N ASN A 377 17.31 9.03 7.45
CA ASN A 377 16.64 10.22 6.97
C ASN A 377 16.87 10.45 5.49
N ILE A 378 15.90 10.01 4.69
CA ILE A 378 16.05 10.04 3.24
C ILE A 378 15.62 11.36 2.61
N VAL A 379 15.20 12.31 3.43
CA VAL A 379 14.72 13.56 2.85
C VAL A 379 15.81 14.42 2.18
N PRO A 380 16.96 14.63 2.86
CA PRO A 380 18.04 15.36 2.15
C PRO A 380 18.61 14.60 0.96
N LYS A 381 18.89 15.31 -0.14
CA LYS A 381 19.44 14.69 -1.34
C LYS A 381 20.88 14.22 -1.15
N VAL A 382 21.58 14.78 -0.18
CA VAL A 382 22.94 14.34 0.09
C VAL A 382 22.91 12.94 0.71
N ASN A 383 21.75 12.52 1.20
CA ASN A 383 21.60 11.19 1.78
C ASN A 383 21.02 10.13 0.83
N TYR A 384 20.09 10.53 -0.02
CA TYR A 384 19.26 9.56 -0.72
C TYR A 384 18.55 10.27 -1.86
N THR A 385 18.68 9.74 -3.07
CA THR A 385 17.97 10.36 -4.18
C THR A 385 16.93 9.46 -4.79
N ILE A 386 16.04 10.11 -5.52
CA ILE A 386 14.97 9.45 -6.23
C ILE A 386 15.54 8.40 -7.21
N TYR A 387 16.69 8.72 -7.79
CA TYR A 387 17.31 7.87 -8.82
C TYR A 387 18.17 6.71 -8.32
N ASP A 388 18.96 6.96 -7.27
CA ASP A 388 19.94 5.98 -6.83
C ASP A 388 19.71 5.45 -5.42
N GLY A 389 18.70 5.99 -4.73
CA GLY A 389 18.52 5.69 -3.32
C GLY A 389 19.77 6.08 -2.56
N PHE A 390 20.23 5.21 -1.66
CA PHE A 390 21.43 5.46 -0.87
C PHE A 390 22.70 5.37 -1.74
N ASN A 391 22.58 4.66 -2.86
CA ASN A 391 23.76 4.29 -3.66
C ASN A 391 24.14 5.36 -4.67
N LEU A 392 24.57 6.51 -4.15
CA LEU A 392 24.76 7.72 -4.96
C LEU A 392 25.76 7.52 -6.08
N ARG A 393 25.34 7.82 -7.31
CA ARG A 393 26.16 7.58 -8.48
C ARG A 393 27.46 8.36 -8.42
N ASN A 394 28.53 7.78 -8.95
CA ASN A 394 29.77 8.52 -9.14
C ASN A 394 30.53 8.82 -7.85
N THR A 395 30.11 8.20 -6.76
CA THR A 395 30.80 8.30 -5.48
C THR A 395 31.13 6.90 -4.98
N ASN A 396 31.80 6.83 -3.83
CA ASN A 396 32.15 5.56 -3.20
C ASN A 396 30.94 4.70 -2.81
N LEU A 397 29.75 5.29 -2.81
CA LEU A 397 28.57 4.56 -2.38
C LEU A 397 27.85 3.87 -3.54
N ALA A 398 28.32 4.13 -4.76
CA ALA A 398 27.77 3.47 -5.94
C ALA A 398 28.37 2.06 -6.08
N ALA A 399 29.53 1.86 -5.48
CA ALA A 399 30.22 0.56 -5.55
C ALA A 399 29.67 -0.43 -4.54
N ASN A 400 29.43 -1.67 -4.99
CA ASN A 400 29.09 -2.77 -4.09
C ASN A 400 27.95 -2.49 -3.13
N PHE A 401 26.98 -1.69 -3.55
CA PHE A 401 25.89 -1.28 -2.65
C PHE A 401 26.41 -0.68 -1.33
N ASN A 402 27.60 -0.08 -1.41
CA ASN A 402 28.20 0.63 -0.29
C ASN A 402 27.23 1.56 0.44
N GLY A 403 26.40 2.25 -0.33
CA GLY A 403 25.41 3.14 0.23
C GLY A 403 24.44 2.48 1.18
N GLN A 404 24.19 1.18 0.98
CA GLN A 404 23.32 0.43 1.87
C GLN A 404 24.12 -0.33 2.93
N ASN A 405 25.43 -0.26 2.84
CA ASN A 405 26.26 -0.93 3.85
C ASN A 405 26.27 -0.09 5.12
N THR A 406 25.66 -0.62 6.18
CA THR A 406 25.48 0.16 7.40
C THR A 406 26.81 0.41 8.12
N GLU A 407 27.89 -0.22 7.65
CA GLU A 407 29.20 0.05 8.25
C GLU A 407 30.07 1.00 7.41
N ILE A 408 29.77 1.13 6.13
CA ILE A 408 30.49 2.06 5.26
C ILE A 408 29.79 3.42 5.23
N ASN A 409 28.48 3.39 4.98
CA ASN A 409 27.66 4.59 5.00
C ASN A 409 27.01 4.74 6.35
N ASN A 410 27.81 4.71 7.41
CA ASN A 410 27.30 4.66 8.77
C ASN A 410 26.60 5.92 9.23
N MET A 411 26.92 7.06 8.64
CA MET A 411 26.24 8.29 9.00
C MET A 411 24.74 8.23 8.65
N ASN A 412 24.37 7.40 7.68
CA ASN A 412 22.98 7.31 7.23
C ASN A 412 22.13 6.24 7.91
N PHE A 413 22.75 5.50 8.84
CA PHE A 413 22.05 4.44 9.54
C PHE A 413 22.43 4.46 11.00
N THR A 414 21.58 5.05 11.82
CA THR A 414 21.84 5.11 13.24
C THR A 414 21.17 3.88 13.88
N LYS A 415 21.98 2.95 14.36
CA LYS A 415 21.46 1.67 14.85
C LYS A 415 20.70 1.83 16.17
N LEU A 416 19.54 1.21 16.23
CA LEU A 416 18.72 1.29 17.43
C LEU A 416 18.71 -0.04 18.17
N LYS A 417 18.29 -0.02 19.43
CA LYS A 417 18.22 -1.23 20.22
C LYS A 417 16.96 -1.98 19.84
N ASN A 418 17.10 -3.09 19.13
CA ASN A 418 15.90 -3.80 18.74
C ASN A 418 15.19 -4.38 19.97
N PHE A 419 13.86 -4.47 19.94
CA PHE A 419 13.10 -4.83 21.15
C PHE A 419 13.16 -6.33 21.50
N THR A 420 13.56 -6.61 22.75
CA THR A 420 13.65 -8.00 23.22
C THR A 420 12.78 -8.31 24.44
N GLY A 421 12.20 -7.28 25.06
CA GLY A 421 11.18 -7.51 26.08
C GLY A 421 11.49 -7.02 27.48
#